data_1EG3
#
_entry.id   1EG3
#
_cell.length_a   49.710
_cell.length_b   67.470
_cell.length_c   85.490
_cell.angle_alpha   90.00
_cell.angle_beta   90.00
_cell.angle_gamma   90.00
#
_symmetry.space_group_name_H-M   'P 21 21 21'
#
loop_
_entity.id
_entity.type
_entity.pdbx_description
1 polymer DYSTROPHIN
2 water water
#
_entity_poly.entity_id   1
_entity_poly.type   'polypeptide(L)'
_entity_poly.pdbx_seq_one_letter_code
;GPASQHFLSTSVQGPWERAISPNKVPYYINHETQTTCWDHPKMTELYQSLADLNNVRFSAYRTAMKLRRLQKALCLDLLS
LSAACDALDQHNLKQNDQPMDILQIINCLTTIYDRLEQEHNNLVNVPLCVDMCLNWLLNVYDTGRTGRIRVLSFKTGIIS
LCKAHLEDKYRYLFKQVASSTGFCDQRRLGLLLHDSIQIPRQLGEVASFGGSNIEPSVRSCFQFANNKPEIEAALFLDWM
RLEPQSMVWLPVLHRVAAAET
;
_entity_poly.pdbx_strand_id   A
#
# COMPACT_ATOMS: atom_id res chain seq x y z
N PRO A 2 0.37 -12.07 22.50
CA PRO A 2 1.25 -11.36 21.54
C PRO A 2 2.16 -10.33 22.19
N ALA A 3 3.46 -10.60 22.28
CA ALA A 3 4.39 -9.66 22.91
C ALA A 3 4.31 -8.25 22.33
N SER A 4 4.07 -8.05 21.03
CA SER A 4 3.94 -6.69 20.50
C SER A 4 2.77 -5.87 21.02
N GLN A 5 1.74 -6.43 21.64
CA GLN A 5 0.64 -5.70 22.27
C GLN A 5 1.11 -4.56 23.17
N HIS A 6 2.10 -4.82 24.02
CA HIS A 6 2.52 -3.78 24.98
C HIS A 6 2.94 -2.54 24.19
N PHE A 7 3.85 -2.75 23.24
CA PHE A 7 4.32 -1.65 22.41
C PHE A 7 3.19 -0.93 21.69
N LEU A 8 2.26 -1.63 21.06
CA LEU A 8 1.20 -0.92 20.31
C LEU A 8 -0.05 -0.56 21.07
N SER A 9 -0.17 -0.86 22.37
CA SER A 9 -1.33 -0.43 23.15
C SER A 9 -1.44 1.07 23.29
N THR A 10 -0.38 1.87 23.16
CA THR A 10 -0.46 3.31 23.23
C THR A 10 -0.89 4.02 21.95
N SER A 11 -1.31 3.30 20.92
CA SER A 11 -1.74 3.90 19.67
C SER A 11 -3.15 4.45 19.83
N VAL A 12 -3.77 4.11 20.95
CA VAL A 12 -5.15 4.57 21.24
C VAL A 12 -5.23 5.06 22.66
N GLN A 13 -6.24 5.84 23.01
CA GLN A 13 -6.48 6.38 24.32
C GLN A 13 -7.91 6.92 24.43
N GLY A 14 -8.15 7.65 25.51
CA GLY A 14 -9.45 8.27 25.81
C GLY A 14 -10.30 7.06 26.25
N PRO A 15 -11.45 6.89 25.61
CA PRO A 15 -12.33 5.77 25.88
C PRO A 15 -11.97 4.50 25.12
N TRP A 16 -10.95 4.58 24.26
CA TRP A 16 -10.59 3.45 23.41
C TRP A 16 -9.58 2.47 23.98
N GLU A 17 -9.75 1.20 23.60
CA GLU A 17 -8.78 0.20 24.00
C GLU A 17 -8.40 -0.76 22.88
N ARG A 18 -7.09 -0.98 22.65
CA ARG A 18 -6.66 -1.91 21.61
C ARG A 18 -6.73 -3.37 22.09
N ALA A 19 -7.18 -4.26 21.27
CA ALA A 19 -7.31 -5.68 21.63
C ALA A 19 -6.93 -6.54 20.44
N ILE A 20 -6.86 -7.86 20.58
CA ILE A 20 -6.41 -8.80 19.59
C ILE A 20 -7.30 -10.02 19.35
N SER A 21 -7.56 -10.38 18.11
CA SER A 21 -8.39 -11.53 17.78
C SER A 21 -7.56 -12.80 17.83
N PRO A 22 -8.14 -13.95 17.49
CA PRO A 22 -7.45 -15.23 17.50
C PRO A 22 -6.39 -15.36 16.42
N ASN A 23 -6.53 -14.69 15.28
CA ASN A 23 -5.55 -14.74 14.19
C ASN A 23 -4.52 -13.63 14.32
N LYS A 24 -4.46 -13.01 15.48
CA LYS A 24 -3.58 -11.94 15.88
C LYS A 24 -3.92 -10.60 15.23
N VAL A 25 -5.10 -10.45 14.64
CA VAL A 25 -5.58 -9.21 14.05
C VAL A 25 -6.13 -8.26 15.08
N PRO A 26 -5.73 -6.99 15.15
CA PRO A 26 -6.20 -6.10 16.18
C PRO A 26 -7.64 -5.63 15.92
N TYR A 27 -8.25 -5.18 16.99
CA TYR A 27 -9.57 -4.56 16.96
C TYR A 27 -9.61 -3.61 18.14
N TYR A 28 -10.57 -2.67 18.09
CA TYR A 28 -10.61 -1.55 19.01
C TYR A 28 -11.92 -1.48 19.79
N ILE A 29 -11.78 -1.27 21.10
CA ILE A 29 -12.97 -1.19 21.95
C ILE A 29 -13.25 0.24 22.37
N ASN A 30 -14.48 0.71 22.21
CA ASN A 30 -14.90 2.02 22.62
C ASN A 30 -15.73 1.85 23.91
N HIS A 31 -15.15 2.31 25.02
CA HIS A 31 -15.77 2.16 26.31
C HIS A 31 -16.91 3.15 26.57
N GLU A 32 -16.81 4.38 26.10
CA GLU A 32 -17.85 5.37 26.35
C GLU A 32 -19.12 4.98 25.61
N THR A 33 -18.95 4.49 24.39
CA THR A 33 -20.07 4.07 23.57
C THR A 33 -20.28 2.56 23.61
N GLN A 34 -19.53 1.84 24.44
CA GLN A 34 -19.60 0.40 24.56
C GLN A 34 -19.66 -0.35 23.24
N THR A 35 -18.87 0.01 22.22
CA THR A 35 -18.88 -0.71 20.95
C THR A 35 -17.46 -1.17 20.56
N THR A 36 -17.41 -1.89 19.46
CA THR A 36 -16.22 -2.51 18.93
C THR A 36 -16.08 -2.20 17.45
N CYS A 37 -14.84 -2.05 16.96
CA CYS A 37 -14.58 -1.78 15.56
C CYS A 37 -13.23 -2.41 15.17
N TRP A 38 -13.17 -2.95 13.96
CA TRP A 38 -11.98 -3.55 13.40
C TRP A 38 -10.94 -2.49 12.98
N ASP A 39 -11.39 -1.28 12.67
CA ASP A 39 -10.48 -0.24 12.24
C ASP A 39 -10.00 0.65 13.36
N HIS A 40 -8.76 1.09 13.27
CA HIS A 40 -8.17 2.04 14.23
C HIS A 40 -9.01 3.30 14.16
N PRO A 41 -9.32 3.92 15.31
CA PRO A 41 -10.18 5.08 15.37
C PRO A 41 -9.70 6.20 14.46
N LYS A 42 -8.40 6.39 14.32
CA LYS A 42 -7.84 7.45 13.49
C LYS A 42 -7.96 7.12 12.00
N MET A 43 -7.91 5.84 11.66
CA MET A 43 -8.13 5.39 10.28
C MET A 43 -9.60 5.59 9.86
N THR A 44 -10.53 5.22 10.75
CA THR A 44 -11.96 5.51 10.49
C THR A 44 -12.12 7.00 10.21
N GLU A 45 -11.56 7.88 11.03
CA GLU A 45 -11.69 9.33 10.85
C GLU A 45 -11.08 9.73 9.49
N LEU A 46 -9.96 9.13 9.13
CA LEU A 46 -9.41 9.40 7.79
C LEU A 46 -10.32 8.91 6.67
N TYR A 47 -10.84 7.68 6.74
CA TYR A 47 -11.69 7.17 5.66
C TYR A 47 -12.95 8.01 5.46
N GLN A 48 -13.60 8.33 6.57
CA GLN A 48 -14.78 9.21 6.51
C GLN A 48 -14.50 10.58 5.92
N SER A 49 -13.33 11.17 6.24
CA SER A 49 -12.98 12.49 5.75
C SER A 49 -12.81 12.49 4.23
N LEU A 50 -12.50 11.35 3.62
CA LEU A 50 -12.32 11.17 2.19
C LEU A 50 -13.57 11.44 1.41
N ALA A 51 -14.76 11.47 2.05
CA ALA A 51 -15.99 11.84 1.35
C ALA A 51 -16.01 13.32 1.00
N ASP A 52 -15.20 14.15 1.65
CA ASP A 52 -15.14 15.57 1.29
C ASP A 52 -14.46 15.74 -0.07
N LEU A 53 -13.86 14.69 -0.64
CA LEU A 53 -13.32 14.74 -2.00
C LEU A 53 -14.23 14.10 -3.04
N ASN A 54 -15.43 13.64 -2.63
CA ASN A 54 -16.23 12.94 -3.68
C ASN A 54 -16.76 13.79 -4.80
N ASN A 55 -16.77 15.12 -4.73
CA ASN A 55 -17.13 15.90 -5.89
C ASN A 55 -15.91 16.36 -6.72
N VAL A 56 -14.71 15.83 -6.48
CA VAL A 56 -13.56 16.17 -7.38
C VAL A 56 -13.91 15.50 -8.70
N ARG A 57 -13.86 16.19 -9.83
CA ARG A 57 -14.36 15.71 -11.08
C ARG A 57 -13.68 14.52 -11.73
N PHE A 58 -12.38 14.48 -11.94
CA PHE A 58 -11.92 13.30 -12.76
C PHE A 58 -11.50 12.15 -11.85
N SER A 59 -11.91 10.91 -12.11
CA SER A 59 -11.61 9.78 -11.27
C SER A 59 -10.14 9.61 -10.91
N ALA A 60 -9.27 9.67 -11.89
CA ALA A 60 -7.84 9.52 -11.55
C ALA A 60 -7.41 10.60 -10.57
N TYR A 61 -7.91 11.85 -10.74
CA TYR A 61 -7.48 12.92 -9.84
C TYR A 61 -8.12 12.83 -8.46
N ARG A 62 -9.40 12.41 -8.45
CA ARG A 62 -10.06 12.25 -7.13
C ARG A 62 -9.38 11.15 -6.35
N THR A 63 -9.11 10.01 -7.01
CA THR A 63 -8.46 8.88 -6.28
C THR A 63 -7.05 9.27 -5.84
N ALA A 64 -6.29 9.94 -6.70
CA ALA A 64 -4.94 10.41 -6.23
C ALA A 64 -4.97 11.36 -5.07
N MET A 65 -5.93 12.30 -5.01
CA MET A 65 -6.03 13.20 -3.87
C MET A 65 -6.41 12.43 -2.61
N LYS A 66 -7.27 11.41 -2.73
CA LYS A 66 -7.55 10.61 -1.52
C LYS A 66 -6.27 9.91 -1.06
N LEU A 67 -5.56 9.24 -1.96
CA LEU A 67 -4.32 8.53 -1.63
C LEU A 67 -3.20 9.47 -1.19
N ARG A 68 -3.21 10.72 -1.63
CA ARG A 68 -2.22 11.69 -1.11
C ARG A 68 -2.47 11.95 0.39
N ARG A 69 -3.75 12.20 0.73
CA ARG A 69 -4.07 12.38 2.14
C ARG A 69 -3.71 11.18 2.99
N LEU A 70 -4.03 9.97 2.55
CA LEU A 70 -3.65 8.75 3.26
C LEU A 70 -2.14 8.59 3.40
N GLN A 71 -1.38 8.80 2.34
CA GLN A 71 0.06 8.73 2.25
C GLN A 71 0.65 9.68 3.29
N LYS A 72 0.15 10.90 3.34
CA LYS A 72 0.67 11.82 4.38
C LYS A 72 0.32 11.48 5.80
N ALA A 73 -0.90 10.99 6.00
CA ALA A 73 -1.31 10.53 7.33
C ALA A 73 -0.43 9.38 7.80
N LEU A 74 0.09 8.54 6.90
CA LEU A 74 0.97 7.42 7.27
C LEU A 74 2.45 7.82 7.26
N CYS A 75 2.73 9.09 6.97
CA CYS A 75 4.11 9.59 6.80
C CYS A 75 4.92 8.90 5.71
N LEU A 76 4.27 8.24 4.75
CA LEU A 76 4.95 7.47 3.72
C LEU A 76 5.52 8.37 2.63
N ASP A 77 5.16 9.64 2.62
CA ASP A 77 5.81 10.64 1.80
C ASP A 77 7.21 11.04 2.32
N LEU A 78 7.64 10.57 3.49
CA LEU A 78 8.99 10.86 3.98
C LEU A 78 9.92 9.66 3.73
N LEU A 79 9.39 8.54 3.19
CA LEU A 79 10.16 7.33 3.03
C LEU A 79 10.75 7.14 1.63
N SER A 80 12.10 7.19 1.55
CA SER A 80 12.74 6.97 0.24
C SER A 80 12.73 5.51 -0.14
N LEU A 81 12.95 5.27 -1.46
CA LEU A 81 12.98 3.91 -1.94
C LEU A 81 14.15 3.15 -1.32
N SER A 82 15.31 3.83 -1.23
CA SER A 82 16.48 3.24 -0.59
C SER A 82 16.22 2.85 0.86
N ALA A 83 15.57 3.73 1.61
CA ALA A 83 15.29 3.36 3.02
C ALA A 83 14.31 2.20 3.11
N ALA A 84 13.27 2.17 2.25
CA ALA A 84 12.35 1.01 2.29
C ALA A 84 13.08 -0.30 1.98
N CYS A 85 13.93 -0.32 0.93
CA CYS A 85 14.69 -1.48 0.52
C CYS A 85 15.64 -1.92 1.66
N ASP A 86 16.21 -0.98 2.37
CA ASP A 86 17.00 -1.26 3.57
C ASP A 86 16.15 -2.05 4.58
N ALA A 87 14.91 -1.58 4.85
CA ALA A 87 14.08 -2.37 5.80
C ALA A 87 13.66 -3.71 5.26
N LEU A 88 13.30 -3.78 3.93
CA LEU A 88 12.91 -5.08 3.36
C LEU A 88 14.07 -6.08 3.48
N ASP A 89 15.28 -5.59 3.23
CA ASP A 89 16.49 -6.38 3.31
C ASP A 89 16.84 -6.92 4.69
N GLN A 90 16.76 -6.08 5.71
CA GLN A 90 17.00 -6.44 7.10
C GLN A 90 16.05 -7.51 7.62
N HIS A 91 14.80 -7.51 7.12
CA HIS A 91 13.77 -8.46 7.56
C HIS A 91 13.68 -9.67 6.65
N ASN A 92 14.65 -9.82 5.75
CA ASN A 92 14.70 -10.98 4.85
C ASN A 92 13.42 -11.23 4.03
N LEU A 93 12.77 -10.16 3.53
CA LEU A 93 11.54 -10.34 2.73
C LEU A 93 11.87 -10.44 1.26
N LYS A 94 12.33 -11.60 0.82
CA LYS A 94 12.80 -11.85 -0.51
C LYS A 94 11.94 -12.78 -1.35
N GLN A 95 11.17 -13.65 -0.75
CA GLN A 95 10.32 -14.58 -1.47
C GLN A 95 8.93 -13.93 -1.58
N ASN A 96 8.66 -13.39 -2.76
CA ASN A 96 7.45 -12.56 -2.90
C ASN A 96 6.13 -13.29 -2.90
N ASP A 97 6.23 -14.60 -3.17
CA ASP A 97 4.99 -15.41 -3.10
C ASP A 97 4.69 -15.96 -1.72
N GLN A 98 5.54 -15.67 -0.73
CA GLN A 98 5.27 -16.21 0.62
C GLN A 98 4.48 -15.26 1.48
N PRO A 99 3.78 -15.82 2.48
CA PRO A 99 3.02 -14.98 3.41
C PRO A 99 3.89 -14.39 4.48
N MET A 100 3.54 -13.23 4.95
CA MET A 100 4.04 -12.49 6.07
C MET A 100 2.91 -12.51 7.11
N ASP A 101 3.14 -12.76 8.38
CA ASP A 101 2.04 -12.64 9.35
C ASP A 101 2.09 -11.28 9.99
N ILE A 102 1.15 -11.06 10.91
CA ILE A 102 1.01 -9.75 11.53
C ILE A 102 2.25 -9.29 12.24
N LEU A 103 2.90 -10.16 12.99
CA LEU A 103 4.14 -9.72 13.65
C LEU A 103 5.25 -9.39 12.64
N GLN A 104 5.39 -10.08 11.53
CA GLN A 104 6.41 -9.68 10.55
C GLN A 104 6.09 -8.31 9.94
N ILE A 105 4.79 -8.02 9.72
CA ILE A 105 4.38 -6.71 9.25
C ILE A 105 4.76 -5.66 10.26
N ILE A 106 4.37 -5.90 11.51
CA ILE A 106 4.75 -4.94 12.57
C ILE A 106 6.27 -4.72 12.66
N ASN A 107 7.05 -5.80 12.67
CA ASN A 107 8.50 -5.68 12.84
C ASN A 107 9.10 -4.80 11.72
N CYS A 108 8.68 -5.06 10.48
CA CYS A 108 9.24 -4.31 9.35
C CYS A 108 8.80 -2.87 9.41
N LEU A 109 7.55 -2.56 9.73
CA LEU A 109 7.05 -1.22 9.89
C LEU A 109 7.80 -0.53 11.04
N THR A 110 8.05 -1.27 12.12
CA THR A 110 8.75 -0.63 13.23
C THR A 110 10.17 -0.17 12.91
N THR A 111 10.84 -0.88 12.02
CA THR A 111 12.24 -0.45 11.66
C THR A 111 12.09 0.80 10.79
N ILE A 112 11.07 0.75 9.88
CA ILE A 112 10.82 1.92 9.02
C ILE A 112 10.48 3.14 9.81
N TYR A 113 9.51 3.09 10.74
CA TYR A 113 9.11 4.30 11.45
C TYR A 113 10.10 4.73 12.53
N ASP A 114 10.87 3.80 13.08
CA ASP A 114 11.93 4.24 14.04
C ASP A 114 12.92 5.15 13.31
N ARG A 115 13.31 4.70 12.11
CA ARG A 115 14.28 5.47 11.32
C ARG A 115 13.72 6.81 10.87
N LEU A 116 12.43 6.83 10.46
CA LEU A 116 11.80 8.07 10.09
C LEU A 116 11.76 8.98 11.32
N GLU A 117 11.47 8.42 12.49
CA GLU A 117 11.38 9.24 13.67
C GLU A 117 12.74 9.88 13.99
N GLN A 118 13.83 9.13 13.88
CA GLN A 118 15.09 9.82 14.18
C GLN A 118 15.49 10.85 13.15
N GLU A 119 14.98 10.83 11.93
CA GLU A 119 15.26 11.85 10.93
C GLU A 119 14.26 12.99 10.93
N HIS A 120 13.10 12.88 11.58
CA HIS A 120 12.05 13.91 11.55
C HIS A 120 11.50 14.20 12.94
N ASN A 121 11.42 15.48 13.30
CA ASN A 121 11.06 16.04 14.57
C ASN A 121 9.65 15.94 15.10
N ASN A 122 9.35 14.86 15.85
CA ASN A 122 7.98 14.70 16.32
C ASN A 122 6.99 14.75 15.17
N LEU A 123 7.42 14.35 13.97
CA LEU A 123 6.54 14.25 12.83
C LEU A 123 5.93 12.85 13.05
N VAL A 124 6.76 11.97 13.64
CA VAL A 124 6.45 10.58 13.84
C VAL A 124 6.24 10.02 15.23
N ASN A 125 5.04 9.51 15.49
CA ASN A 125 4.74 8.78 16.74
C ASN A 125 4.81 7.31 16.32
N VAL A 126 5.86 6.57 16.64
CA VAL A 126 6.06 5.20 16.17
C VAL A 126 4.97 4.19 16.39
N PRO A 127 4.49 3.92 17.60
CA PRO A 127 3.40 3.02 17.87
C PRO A 127 2.15 3.42 17.05
N LEU A 128 1.84 4.71 17.01
CA LEU A 128 0.69 5.17 16.22
C LEU A 128 0.86 4.86 14.75
N CYS A 129 1.98 5.23 14.14
CA CYS A 129 2.23 5.05 12.71
C CYS A 129 2.25 3.57 12.34
N VAL A 130 2.94 2.74 13.16
CA VAL A 130 2.97 1.30 12.90
C VAL A 130 1.50 0.79 12.83
N ASP A 131 0.69 1.07 13.83
CA ASP A 131 -0.66 0.53 13.94
C ASP A 131 -1.56 1.03 12.80
N MET A 132 -1.48 2.30 12.40
CA MET A 132 -2.32 2.80 11.29
C MET A 132 -1.89 2.25 9.94
N CYS A 133 -0.56 2.10 9.70
CA CYS A 133 -0.14 1.53 8.41
C CYS A 133 -0.59 0.08 8.32
N LEU A 134 -0.37 -0.60 9.48
CA LEU A 134 -0.81 -1.97 9.66
C LEU A 134 -2.29 -2.11 9.27
N ASN A 135 -3.14 -1.27 9.80
CA ASN A 135 -4.59 -1.30 9.54
C ASN A 135 -4.87 -1.03 8.04
N TRP A 136 -4.22 -0.04 7.45
CA TRP A 136 -4.33 0.17 5.99
C TRP A 136 -3.99 -1.09 5.21
N LEU A 137 -2.80 -1.69 5.38
CA LEU A 137 -2.41 -2.89 4.70
C LEU A 137 -3.39 -4.04 4.88
N LEU A 138 -3.90 -4.27 6.09
CA LEU A 138 -4.89 -5.34 6.26
C LEU A 138 -6.21 -4.97 5.58
N ASN A 139 -6.60 -3.68 5.56
CA ASN A 139 -7.83 -3.32 4.86
C ASN A 139 -7.63 -3.52 3.34
N VAL A 140 -6.40 -3.27 2.87
CA VAL A 140 -6.19 -3.51 1.42
C VAL A 140 -6.06 -4.98 1.07
N TYR A 141 -5.26 -5.76 1.80
CA TYR A 141 -4.85 -7.10 1.40
C TYR A 141 -5.35 -8.28 2.25
N ASP A 142 -6.02 -8.06 3.36
CA ASP A 142 -6.47 -9.16 4.22
C ASP A 142 -7.89 -8.90 4.66
N THR A 143 -8.77 -8.81 3.63
CA THR A 143 -10.15 -8.47 4.05
C THR A 143 -10.79 -9.66 4.73
N GLY A 144 -10.32 -10.88 4.53
CA GLY A 144 -10.82 -12.05 5.23
C GLY A 144 -10.33 -12.17 6.67
N ARG A 145 -9.53 -11.23 7.18
CA ARG A 145 -9.01 -11.30 8.54
C ARG A 145 -8.30 -12.60 8.90
N THR A 146 -7.46 -13.06 8.03
CA THR A 146 -6.68 -14.28 8.21
C THR A 146 -5.40 -14.02 9.01
N GLY A 147 -4.95 -12.77 9.11
CA GLY A 147 -3.71 -12.47 9.84
C GLY A 147 -2.43 -12.60 9.03
N ARG A 148 -2.48 -12.79 7.71
CA ARG A 148 -1.38 -12.84 6.79
C ARG A 148 -1.65 -12.13 5.45
N ILE A 149 -0.60 -11.64 4.79
CA ILE A 149 -0.61 -11.07 3.47
C ILE A 149 0.62 -11.55 2.70
N ARG A 150 0.65 -11.54 1.37
CA ARG A 150 1.86 -11.94 0.65
C ARG A 150 2.95 -10.89 0.76
N VAL A 151 4.24 -11.29 0.73
CA VAL A 151 5.32 -10.31 0.72
C VAL A 151 5.16 -9.39 -0.52
N LEU A 152 4.80 -9.96 -1.67
CA LEU A 152 4.59 -9.06 -2.85
C LEU A 152 3.61 -7.94 -2.53
N SER A 153 2.54 -8.28 -1.80
CA SER A 153 1.55 -7.29 -1.40
C SER A 153 2.07 -6.18 -0.49
N PHE A 154 2.86 -6.56 0.52
CA PHE A 154 3.43 -5.59 1.41
C PHE A 154 4.30 -4.62 0.60
N LYS A 155 5.13 -5.17 -0.28
CA LYS A 155 6.04 -4.39 -1.12
C LYS A 155 5.28 -3.44 -2.05
N THR A 156 4.20 -3.99 -2.66
CA THR A 156 3.39 -3.13 -3.54
C THR A 156 2.79 -1.95 -2.76
N GLY A 157 2.23 -2.16 -1.54
CA GLY A 157 1.61 -1.03 -0.88
C GLY A 157 2.63 0.05 -0.49
N ILE A 158 3.69 -0.39 0.21
CA ILE A 158 4.64 0.61 0.76
C ILE A 158 5.37 1.37 -0.37
N ILE A 159 5.82 0.61 -1.36
CA ILE A 159 6.55 1.26 -2.48
C ILE A 159 5.59 2.12 -3.30
N SER A 160 4.35 1.63 -3.57
CA SER A 160 3.51 2.58 -4.36
C SER A 160 3.34 3.92 -3.61
N LEU A 161 3.26 3.97 -2.28
CA LEU A 161 3.04 5.22 -1.57
C LEU A 161 4.33 5.87 -1.04
N CYS A 162 5.54 5.36 -1.37
CA CYS A 162 6.75 6.02 -0.85
C CYS A 162 7.13 7.28 -1.65
N LYS A 163 8.25 7.96 -1.31
CA LYS A 163 8.53 9.21 -2.03
C LYS A 163 9.41 9.06 -3.25
N ALA A 164 9.75 7.89 -3.74
CA ALA A 164 10.60 7.77 -4.92
C ALA A 164 10.07 8.37 -6.20
N HIS A 165 10.97 8.58 -7.17
CA HIS A 165 10.62 9.01 -8.50
C HIS A 165 9.69 7.95 -9.10
N LEU A 166 8.72 8.38 -9.88
CA LEU A 166 7.80 7.37 -10.41
C LEU A 166 8.41 6.21 -11.16
N GLU A 167 9.39 6.49 -12.04
CA GLU A 167 10.00 5.41 -12.84
C GLU A 167 10.78 4.44 -11.95
N ASP A 168 11.35 4.95 -10.85
CA ASP A 168 12.04 4.06 -9.89
C ASP A 168 11.03 3.12 -9.22
N LYS A 169 9.80 3.62 -8.90
CA LYS A 169 8.82 2.70 -8.33
C LYS A 169 8.48 1.65 -9.39
N TYR A 170 8.25 2.14 -10.65
CA TYR A 170 7.87 1.15 -11.68
C TYR A 170 8.95 0.09 -11.86
N ARG A 171 10.23 0.50 -11.97
CA ARG A 171 11.32 -0.47 -12.15
C ARG A 171 11.40 -1.51 -11.02
N TYR A 172 11.27 -0.97 -9.81
CA TYR A 172 11.30 -1.82 -8.61
C TYR A 172 10.14 -2.80 -8.60
N LEU A 173 8.91 -2.37 -8.86
CA LEU A 173 7.78 -3.32 -8.84
C LEU A 173 7.88 -4.34 -9.94
N PHE A 174 8.33 -3.90 -11.14
CA PHE A 174 8.47 -4.85 -12.26
C PHE A 174 9.50 -5.92 -11.87
N LYS A 175 10.59 -5.46 -11.23
CA LYS A 175 11.65 -6.43 -10.86
C LYS A 175 11.15 -7.44 -9.83
N GLN A 176 10.17 -7.05 -9.00
CA GLN A 176 9.65 -8.02 -8.03
C GLN A 176 8.86 -9.14 -8.68
N VAL A 177 8.26 -8.95 -9.86
CA VAL A 177 7.56 -10.09 -10.45
C VAL A 177 8.34 -10.69 -11.62
N ALA A 178 9.25 -10.00 -12.28
CA ALA A 178 9.98 -10.55 -13.42
C ALA A 178 10.91 -11.69 -12.95
N SER A 179 11.33 -12.52 -13.91
CA SER A 179 12.25 -13.60 -13.62
C SER A 179 13.60 -13.04 -13.19
N SER A 180 14.47 -13.96 -12.76
CA SER A 180 15.83 -13.59 -12.39
C SER A 180 16.58 -12.96 -13.55
N THR A 181 16.23 -13.23 -14.79
CA THR A 181 16.90 -12.56 -15.92
C THR A 181 16.13 -11.37 -16.47
N GLY A 182 15.10 -10.90 -15.78
CA GLY A 182 14.44 -9.66 -16.10
C GLY A 182 13.28 -9.70 -17.08
N PHE A 183 12.68 -10.85 -17.25
CA PHE A 183 11.58 -11.05 -18.16
C PHE A 183 10.29 -11.34 -17.42
N CYS A 184 9.22 -10.80 -17.99
CA CYS A 184 7.90 -11.00 -17.46
C CYS A 184 6.93 -11.63 -18.45
N ASP A 185 6.24 -12.70 -18.10
CA ASP A 185 5.21 -13.26 -18.98
C ASP A 185 3.86 -12.73 -18.47
N GLN A 186 2.79 -13.16 -19.09
CA GLN A 186 1.47 -12.64 -18.72
C GLN A 186 1.13 -13.00 -17.29
N ARG A 187 1.43 -14.24 -16.85
CA ARG A 187 1.12 -14.60 -15.47
C ARG A 187 1.79 -13.61 -14.52
N ARG A 188 3.12 -13.37 -14.68
CA ARG A 188 3.89 -12.52 -13.75
C ARG A 188 3.38 -11.07 -13.76
N LEU A 189 3.09 -10.53 -14.95
CA LEU A 189 2.54 -9.14 -15.00
C LEU A 189 1.22 -9.11 -14.21
N GLY A 190 0.38 -10.14 -14.41
CA GLY A 190 -0.93 -10.20 -13.70
C GLY A 190 -0.73 -10.10 -12.19
N LEU A 191 0.33 -10.73 -11.61
CA LEU A 191 0.59 -10.70 -10.19
C LEU A 191 0.77 -9.28 -9.71
N LEU A 192 1.53 -8.52 -10.46
CA LEU A 192 1.77 -7.11 -10.15
C LEU A 192 0.53 -6.23 -10.29
N LEU A 193 -0.20 -6.38 -11.39
CA LEU A 193 -1.39 -5.56 -11.58
C LEU A 193 -2.46 -5.93 -10.55
N HIS A 194 -2.58 -7.21 -10.18
CA HIS A 194 -3.56 -7.63 -9.17
C HIS A 194 -3.19 -6.99 -7.82
N ASP A 195 -1.97 -7.05 -7.35
CA ASP A 195 -1.72 -6.40 -6.06
C ASP A 195 -1.96 -4.90 -6.16
N SER A 196 -1.56 -4.27 -7.26
CA SER A 196 -1.68 -2.83 -7.38
C SER A 196 -3.14 -2.36 -7.33
N ILE A 197 -4.03 -2.99 -8.08
CA ILE A 197 -5.45 -2.61 -8.16
C ILE A 197 -6.20 -2.73 -6.84
N GLN A 198 -5.64 -3.48 -5.86
CA GLN A 198 -6.29 -3.53 -4.55
C GLN A 198 -6.21 -2.17 -3.85
N ILE A 199 -5.28 -1.29 -4.15
CA ILE A 199 -5.14 0.02 -3.50
C ILE A 199 -6.33 0.91 -3.80
N PRO A 200 -6.70 1.13 -5.08
CA PRO A 200 -7.90 1.95 -5.35
C PRO A 200 -9.13 1.20 -4.97
N ARG A 201 -9.04 -0.16 -5.07
CA ARG A 201 -10.20 -0.93 -4.68
C ARG A 201 -10.58 -0.72 -3.22
N GLN A 202 -9.59 -0.60 -2.32
CA GLN A 202 -9.92 -0.38 -0.91
C GLN A 202 -10.62 0.95 -0.66
N LEU A 203 -10.42 1.94 -1.50
CA LEU A 203 -11.12 3.20 -1.40
C LEU A 203 -12.47 3.21 -2.09
N GLY A 204 -13.01 2.10 -2.59
CA GLY A 204 -14.31 2.11 -3.24
C GLY A 204 -14.24 2.65 -4.67
N GLU A 205 -13.03 2.82 -5.25
CA GLU A 205 -12.95 3.39 -6.59
C GLU A 205 -12.54 2.40 -7.67
N VAL A 206 -12.65 1.09 -7.54
CA VAL A 206 -12.09 0.19 -8.57
C VAL A 206 -12.83 0.25 -9.88
N ALA A 207 -14.12 0.68 -9.87
CA ALA A 207 -14.87 0.78 -11.13
C ALA A 207 -14.27 1.77 -12.10
N SER A 208 -13.60 2.84 -11.70
CA SER A 208 -12.99 3.75 -12.62
C SER A 208 -11.63 3.35 -13.13
N PHE A 209 -11.06 2.27 -12.65
CA PHE A 209 -9.78 1.73 -13.06
C PHE A 209 -9.90 0.37 -13.77
N GLY A 210 -11.06 0.09 -14.34
CA GLY A 210 -11.31 -1.08 -15.17
C GLY A 210 -11.93 -2.27 -14.43
N GLY A 211 -12.09 -2.12 -13.14
CA GLY A 211 -12.70 -3.15 -12.27
C GLY A 211 -11.66 -4.09 -11.68
N SER A 212 -12.05 -4.99 -10.81
CA SER A 212 -11.18 -5.95 -10.09
C SER A 212 -10.56 -7.02 -10.93
N ASN A 213 -10.95 -7.33 -12.15
CA ASN A 213 -10.22 -8.36 -12.93
C ASN A 213 -9.20 -7.62 -13.78
N ILE A 214 -7.90 -7.82 -13.56
CA ILE A 214 -6.95 -7.04 -14.38
C ILE A 214 -6.51 -7.78 -15.62
N GLU A 215 -7.17 -8.94 -15.91
CA GLU A 215 -6.82 -9.71 -17.10
C GLU A 215 -6.97 -8.93 -18.38
N PRO A 216 -7.96 -8.09 -18.60
CA PRO A 216 -8.02 -7.24 -19.78
C PRO A 216 -6.80 -6.29 -19.86
N SER A 217 -6.31 -5.76 -18.75
CA SER A 217 -5.11 -4.91 -18.76
C SER A 217 -3.83 -5.66 -19.10
N VAL A 218 -3.68 -6.92 -18.61
CA VAL A 218 -2.51 -7.71 -19.03
C VAL A 218 -2.53 -7.94 -20.55
N ARG A 219 -3.70 -8.42 -21.06
CA ARG A 219 -3.82 -8.63 -22.50
C ARG A 219 -3.49 -7.33 -23.26
N SER A 220 -4.00 -6.16 -22.89
CA SER A 220 -3.67 -4.92 -23.57
C SER A 220 -2.18 -4.62 -23.56
N CYS A 221 -1.44 -4.78 -22.43
CA CYS A 221 0.01 -4.56 -22.46
C CYS A 221 0.67 -5.57 -23.43
N PHE A 222 0.30 -6.86 -23.41
CA PHE A 222 0.97 -7.81 -24.33
C PHE A 222 0.63 -7.55 -25.80
N GLN A 223 -0.56 -7.08 -26.13
CA GLN A 223 -0.92 -6.61 -27.46
C GLN A 223 -0.05 -5.43 -27.89
N PHE A 224 0.17 -4.48 -27.00
CA PHE A 224 1.03 -3.33 -27.23
C PHE A 224 2.46 -3.80 -27.52
N ALA A 225 2.87 -4.86 -26.85
CA ALA A 225 4.20 -5.45 -27.10
C ALA A 225 4.23 -6.38 -28.31
N ASN A 226 3.22 -6.35 -29.16
CA ASN A 226 3.18 -7.16 -30.38
C ASN A 226 3.03 -8.64 -30.09
N ASN A 227 2.30 -9.00 -29.02
CA ASN A 227 2.06 -10.40 -28.71
C ASN A 227 3.32 -11.22 -28.48
N LYS A 228 4.38 -10.67 -27.94
CA LYS A 228 5.57 -11.46 -27.62
C LYS A 228 5.28 -12.23 -26.32
N PRO A 229 5.94 -13.37 -26.12
CA PRO A 229 5.73 -14.21 -24.97
C PRO A 229 6.16 -13.56 -23.66
N GLU A 230 7.17 -12.72 -23.69
CA GLU A 230 7.58 -12.00 -22.49
C GLU A 230 8.17 -10.64 -22.79
N ILE A 231 8.11 -9.74 -21.80
CA ILE A 231 8.59 -8.38 -21.99
C ILE A 231 9.68 -8.04 -20.96
N GLU A 232 10.45 -7.02 -21.19
CA GLU A 232 11.45 -6.55 -20.23
C GLU A 232 11.03 -5.19 -19.65
N ALA A 233 11.81 -4.68 -18.72
CA ALA A 233 11.38 -3.46 -18.01
C ALA A 233 11.18 -2.25 -18.91
N ALA A 234 11.99 -2.08 -19.96
CA ALA A 234 11.85 -0.93 -20.84
C ALA A 234 10.50 -0.88 -21.54
N LEU A 235 10.03 -2.06 -21.97
CA LEU A 235 8.76 -2.15 -22.68
C LEU A 235 7.62 -1.84 -21.70
N PHE A 236 7.75 -2.37 -20.49
CA PHE A 236 6.79 -2.09 -19.40
C PHE A 236 6.78 -0.59 -19.11
N LEU A 237 7.95 0.05 -19.03
CA LEU A 237 8.01 1.48 -18.77
C LEU A 237 7.35 2.25 -19.92
N ASP A 238 7.56 1.82 -21.15
CA ASP A 238 6.96 2.42 -22.33
C ASP A 238 5.45 2.30 -22.30
N TRP A 239 4.89 1.17 -21.87
CA TRP A 239 3.42 1.03 -21.76
C TRP A 239 2.87 1.94 -20.68
N MET A 240 3.59 2.05 -19.56
CA MET A 240 3.18 2.89 -18.45
C MET A 240 3.17 4.37 -18.79
N ARG A 241 3.94 4.78 -19.81
CA ARG A 241 3.92 6.18 -20.26
C ARG A 241 2.57 6.51 -20.88
N LEU A 242 1.81 5.51 -21.37
CA LEU A 242 0.46 5.74 -21.85
C LEU A 242 -0.61 5.78 -20.75
N GLU A 243 -0.23 5.64 -19.50
CA GLU A 243 -1.07 5.66 -18.32
C GLU A 243 -2.30 4.77 -18.49
N PRO A 244 -2.03 3.48 -18.50
CA PRO A 244 -3.09 2.48 -18.62
C PRO A 244 -4.10 2.70 -17.51
N GLN A 245 -5.39 2.50 -17.80
CA GLN A 245 -6.44 2.76 -16.82
C GLN A 245 -6.30 2.04 -15.49
N SER A 246 -5.73 0.82 -15.49
CA SER A 246 -5.63 0.06 -14.26
C SER A 246 -4.71 0.73 -13.23
N MET A 247 -3.77 1.55 -13.65
CA MET A 247 -2.76 2.11 -12.77
C MET A 247 -2.68 3.63 -12.81
N VAL A 248 -3.49 4.33 -13.59
CA VAL A 248 -3.35 5.76 -13.78
C VAL A 248 -3.43 6.59 -12.52
N TRP A 249 -4.12 6.14 -11.43
CA TRP A 249 -4.06 6.82 -10.16
C TRP A 249 -2.62 7.05 -9.66
N LEU A 250 -1.63 6.22 -9.94
CA LEU A 250 -0.24 6.41 -9.48
C LEU A 250 0.53 7.57 -10.10
N PRO A 251 0.66 7.71 -11.41
CA PRO A 251 1.26 8.91 -12.01
C PRO A 251 0.47 10.14 -11.59
N VAL A 252 -0.87 10.09 -11.49
CA VAL A 252 -1.65 11.24 -11.02
C VAL A 252 -1.39 11.63 -9.57
N LEU A 253 -1.09 10.67 -8.69
CA LEU A 253 -0.70 10.95 -7.31
C LEU A 253 0.57 11.77 -7.31
N HIS A 254 1.50 11.44 -8.23
CA HIS A 254 2.75 12.21 -8.31
C HIS A 254 2.50 13.64 -8.78
N ARG A 255 1.56 13.84 -9.73
CA ARG A 255 1.19 15.18 -10.20
C ARG A 255 0.49 15.95 -9.08
N VAL A 256 -0.30 15.22 -8.29
CA VAL A 256 -0.93 15.82 -7.14
C VAL A 256 0.13 16.38 -6.18
N ALA A 257 1.09 15.54 -5.79
CA ALA A 257 2.13 15.97 -4.84
C ALA A 257 2.99 17.08 -5.40
N ALA A 258 3.31 17.02 -6.68
CA ALA A 258 4.12 18.12 -7.23
C ALA A 258 3.35 19.44 -7.24
N ALA A 259 2.05 19.42 -7.36
CA ALA A 259 1.20 20.61 -7.44
C ALA A 259 1.05 21.29 -6.06
N GLU A 260 1.36 20.55 -5.05
CA GLU A 260 1.66 20.93 -3.72
C GLU A 260 1.07 20.01 -2.67
N THR A 261 -0.14 19.53 -2.89
CA THR A 261 -0.79 18.82 -1.80
C THR A 261 -0.10 17.61 -1.25
#